data_4HNL
#
_entry.id   4HNL
#
_cell.length_a   115.943
_cell.length_b   115.943
_cell.length_c   119.970
_cell.angle_alpha   90.00
_cell.angle_beta   90.00
_cell.angle_gamma   90.00
#
_symmetry.space_group_name_H-M   'I 4 2 2'
#
loop_
_entity.id
_entity.type
_entity.pdbx_description
1 polymer 'Mandelate racemase/muconate lactonizing enzyme'
2 non-polymer 'MAGNESIUM ION'
3 non-polymer GLYCEROL
4 non-polymer 'CHLORIDE ION'
5 water water
#
_entity_poly.entity_id   1
_entity_poly.type   'polypeptide(L)'
_entity_poly.pdbx_seq_one_letter_code
;MHHHHHHSSGVDLGTENLYFQSMTPTIITDVKSFAIKPDRHNLVVVKVETNKGISGLGCSTFQFRPLAVKTVVDEYLRPL
LMGRDANEIEDIWQVMNVNSYWRNGPITNNAISGIDMALWDIKGQLADMPLYQLLGGKARTAIPAYTHAVADNLDDLYHE
IDRFLAAGYRYIRCQLGFYGGNPSQLQTPEEPISGSYFDQTDYMETTLKMFAAIKEKYGNQFQMLHDVHERLHPNQAIQF
AKAAEPYQLFFLEDILPPDQSHWLTQLRSQSATPIATGELFNNPMEWQELVKNRQIDFMRAHVSQIGGITPALKLAHFCD
AMGVRIAWHTPSDISPVGLAVNTHLNIHLHNAAIQETIELPANTQSVFVGSPQPKGGFFYPMEKSGIGITFDEEAAADFP
VVYRPHEWTQSRTPDGTLITP
;
_entity_poly.pdbx_strand_id   A
#
loop_
_chem_comp.id
_chem_comp.type
_chem_comp.name
_chem_comp.formula
CL non-polymer 'CHLORIDE ION' 'Cl -1'
GOL non-polymer GLYCEROL 'C3 H8 O3'
MG non-polymer 'MAGNESIUM ION' 'Mg 2'
#
# COMPACT_ATOMS: atom_id res chain seq x y z
N GLN A 21 8.59 -34.11 -21.42
CA GLN A 21 7.80 -33.52 -20.30
C GLN A 21 6.91 -32.37 -20.81
N SER A 22 6.02 -31.88 -19.95
CA SER A 22 5.23 -30.70 -20.31
C SER A 22 5.94 -29.45 -19.80
N MET A 23 6.93 -29.67 -18.92
CA MET A 23 7.60 -28.53 -18.34
C MET A 23 9.00 -28.76 -17.82
N THR A 24 9.93 -28.00 -18.38
CA THR A 24 11.34 -28.10 -18.03
C THR A 24 11.73 -27.02 -17.03
N PRO A 25 12.85 -27.20 -16.35
CA PRO A 25 13.34 -26.17 -15.43
C PRO A 25 13.47 -24.82 -16.13
N THR A 26 13.23 -23.75 -15.39
CA THR A 26 13.39 -22.40 -15.90
C THR A 26 14.52 -21.78 -15.10
N ILE A 27 15.71 -21.77 -15.68
CA ILE A 27 16.91 -21.42 -14.91
C ILE A 27 17.14 -19.92 -14.86
N ILE A 28 17.32 -19.40 -13.65
CA ILE A 28 17.63 -17.99 -13.48
C ILE A 28 19.04 -17.69 -13.97
N THR A 29 19.15 -16.76 -14.92
CA THR A 29 20.44 -16.41 -15.52
C THR A 29 20.91 -14.98 -15.20
N ASP A 30 20.02 -14.15 -14.66
CA ASP A 30 20.45 -12.86 -14.11
C ASP A 30 19.40 -12.33 -13.17
N VAL A 31 19.83 -11.45 -12.28
CA VAL A 31 18.94 -10.69 -11.41
C VAL A 31 19.47 -9.26 -11.41
N LYS A 32 18.62 -8.32 -11.80
CA LYS A 32 18.99 -6.92 -11.90
C LYS A 32 18.04 -6.10 -11.06
N SER A 33 18.54 -4.97 -10.53
CA SER A 33 17.68 -4.02 -9.83
C SER A 33 17.86 -2.63 -10.40
N PHE A 34 16.78 -1.86 -10.35
CA PHE A 34 16.77 -0.51 -10.89
C PHE A 34 16.15 0.43 -9.88
N ALA A 35 16.98 1.32 -9.33
CA ALA A 35 16.47 2.34 -8.42
C ALA A 35 16.35 3.61 -9.23
N ILE A 36 15.12 4.08 -9.38
CA ILE A 36 14.84 5.20 -10.27
C ILE A 36 13.80 6.17 -9.70
N LYS A 37 13.79 7.40 -10.20
CA LYS A 37 12.84 8.39 -9.78
C LYS A 37 12.26 9.19 -10.96
N PRO A 38 11.34 8.58 -11.68
CA PRO A 38 10.76 9.27 -12.84
C PRO A 38 9.99 10.50 -12.44
N ASP A 39 9.27 10.43 -11.35
CA ASP A 39 8.46 11.51 -10.92
C ASP A 39 8.72 11.90 -9.47
N ARG A 40 7.73 11.86 -8.62
CA ARG A 40 7.96 12.31 -7.26
C ARG A 40 8.57 11.33 -6.26
N HIS A 41 8.56 10.05 -6.58
CA HIS A 41 8.95 9.05 -5.63
C HIS A 41 10.05 8.14 -6.15
N ASN A 42 11.01 7.85 -5.30
CA ASN A 42 12.00 6.81 -5.59
C ASN A 42 11.35 5.44 -5.65
N LEU A 43 11.59 4.73 -6.75
CA LEU A 43 11.05 3.40 -7.00
C LEU A 43 12.21 2.42 -7.06
N VAL A 44 11.95 1.16 -6.72
CA VAL A 44 12.91 0.11 -7.00
C VAL A 44 12.20 -1.04 -7.69
N VAL A 45 12.67 -1.41 -8.87
CA VAL A 45 12.13 -2.57 -9.54
C VAL A 45 13.21 -3.61 -9.78
N VAL A 46 12.80 -4.86 -9.82
CA VAL A 46 13.72 -5.97 -10.00
C VAL A 46 13.36 -6.69 -11.29
N LYS A 47 14.38 -7.15 -12.02
CA LYS A 47 14.16 -7.96 -13.22
C LYS A 47 14.91 -9.29 -13.09
N VAL A 48 14.20 -10.40 -13.30
CA VAL A 48 14.81 -11.71 -13.27
C VAL A 48 14.82 -12.25 -14.69
N GLU A 49 16.01 -12.63 -15.17
CA GLU A 49 16.16 -13.20 -16.50
C GLU A 49 16.33 -14.71 -16.44
N THR A 50 15.93 -15.40 -17.51
CA THR A 50 15.99 -16.85 -17.51
C THR A 50 16.62 -17.40 -18.78
N ASN A 51 16.95 -18.68 -18.73
CA ASN A 51 17.56 -19.35 -19.87
C ASN A 51 16.58 -19.47 -21.03
N LYS A 52 15.30 -19.26 -20.75
CA LYS A 52 14.26 -19.37 -21.77
C LYS A 52 14.02 -18.02 -22.47
N GLY A 53 14.74 -16.99 -22.07
CA GLY A 53 14.52 -15.66 -22.63
C GLY A 53 13.22 -15.03 -22.13
N ILE A 54 12.62 -15.64 -21.12
CA ILE A 54 11.44 -15.07 -20.46
C ILE A 54 11.92 -14.32 -19.21
N SER A 55 11.64 -13.02 -19.12
CA SER A 55 12.05 -12.24 -17.97
CA SER A 55 12.05 -12.25 -17.96
C SER A 55 10.82 -11.81 -17.16
N GLY A 56 11.00 -11.63 -15.86
CA GLY A 56 9.91 -11.16 -15.03
C GLY A 56 10.30 -9.88 -14.31
N LEU A 57 9.30 -9.08 -13.96
CA LEU A 57 9.52 -7.86 -13.20
C LEU A 57 8.86 -7.96 -11.84
N GLY A 58 9.46 -7.27 -10.86
CA GLY A 58 8.88 -7.22 -9.54
C GLY A 58 9.06 -5.86 -8.90
N CYS A 59 8.23 -5.56 -7.90
CA CYS A 59 8.31 -4.29 -7.20
C CYS A 59 8.97 -4.47 -5.84
N SER A 60 10.01 -3.68 -5.60
CA SER A 60 10.72 -3.65 -4.33
C SER A 60 10.69 -2.24 -3.78
N THR A 61 9.65 -1.50 -4.10
CA THR A 61 9.64 -0.06 -3.82
C THR A 61 9.41 0.26 -2.33
N PHE A 62 10.46 0.73 -1.69
CA PHE A 62 10.45 1.26 -0.33
C PHE A 62 11.07 2.63 -0.51
N GLN A 63 10.23 3.66 -0.68
CA GLN A 63 10.72 4.93 -1.26
C GLN A 63 11.74 5.65 -0.41
N PHE A 64 11.76 5.35 0.89
CA PHE A 64 12.65 6.03 1.85
C PHE A 64 14.05 5.42 1.92
N ARG A 65 14.21 4.19 1.44
CA ARG A 65 15.52 3.52 1.56
C ARG A 65 15.86 2.75 0.28
N PRO A 66 15.65 3.39 -0.89
CA PRO A 66 15.82 2.60 -2.13
C PRO A 66 17.23 2.06 -2.34
N LEU A 67 18.26 2.82 -1.95
CA LEU A 67 19.63 2.34 -2.12
C LEU A 67 19.93 1.12 -1.25
N ALA A 68 19.29 1.03 -0.08
CA ALA A 68 19.52 -0.12 0.78
C ALA A 68 18.87 -1.38 0.22
N VAL A 69 17.66 -1.21 -0.36
CA VAL A 69 17.00 -2.34 -1.00
C VAL A 69 17.84 -2.84 -2.18
N LYS A 70 18.35 -1.91 -2.97
CA LYS A 70 19.21 -2.27 -4.10
C LYS A 70 20.47 -3.04 -3.62
N THR A 71 21.09 -2.59 -2.54
CA THR A 71 22.23 -3.33 -1.97
C THR A 71 21.85 -4.79 -1.67
N VAL A 72 20.69 -5.00 -1.05
CA VAL A 72 20.30 -6.35 -0.73
C VAL A 72 20.11 -7.20 -1.99
N VAL A 73 19.40 -6.65 -2.99
CA VAL A 73 19.18 -7.43 -4.20
C VAL A 73 20.49 -7.78 -4.89
N ASP A 74 21.36 -6.77 -5.04
CA ASP A 74 22.56 -6.94 -5.87
C ASP A 74 23.65 -7.76 -5.19
N GLU A 75 23.83 -7.54 -3.88
CA GLU A 75 24.95 -8.15 -3.18
C GLU A 75 24.58 -9.49 -2.56
N TYR A 76 23.30 -9.73 -2.30
CA TYR A 76 22.91 -10.91 -1.53
C TYR A 76 21.91 -11.80 -2.25
N LEU A 77 20.82 -11.24 -2.76
CA LEU A 77 19.83 -12.11 -3.42
C LEU A 77 20.31 -12.63 -4.77
N ARG A 78 21.01 -11.79 -5.54
CA ARG A 78 21.50 -12.25 -6.85
C ARG A 78 22.36 -13.52 -6.73
N PRO A 79 23.42 -13.48 -5.88
CA PRO A 79 24.22 -14.70 -5.83
C PRO A 79 23.46 -15.91 -5.24
N LEU A 80 22.50 -15.65 -4.35
CA LEU A 80 21.69 -16.75 -3.82
C LEU A 80 20.85 -17.42 -4.92
N LEU A 81 20.33 -16.61 -5.83
CA LEU A 81 19.33 -17.07 -6.79
C LEU A 81 19.90 -17.57 -8.10
N MET A 82 21.10 -17.14 -8.46
CA MET A 82 21.66 -17.48 -9.77
C MET A 82 21.64 -19.00 -9.95
N GLY A 83 21.13 -19.47 -11.08
CA GLY A 83 21.16 -20.91 -11.37
C GLY A 83 19.98 -21.71 -10.84
N ARG A 84 19.15 -21.10 -9.99
CA ARG A 84 18.01 -21.84 -9.43
C ARG A 84 16.89 -21.97 -10.45
N ASP A 85 16.03 -22.96 -10.22
CA ASP A 85 14.85 -23.20 -11.04
C ASP A 85 13.68 -22.30 -10.60
N ALA A 86 13.46 -21.25 -11.40
CA ALA A 86 12.39 -20.27 -11.19
C ALA A 86 11.00 -20.86 -11.12
N ASN A 87 10.80 -22.09 -11.63
CA ASN A 87 9.46 -22.71 -11.55
C ASN A 87 9.03 -22.90 -10.10
N GLU A 88 9.98 -23.11 -9.20
CA GLU A 88 9.63 -23.45 -7.83
C GLU A 88 9.52 -22.19 -6.98
N ILE A 89 8.46 -21.43 -7.24
CA ILE A 89 8.30 -20.13 -6.59
C ILE A 89 8.18 -20.32 -5.07
N GLU A 90 7.37 -21.29 -4.66
CA GLU A 90 7.12 -21.52 -3.23
C GLU A 90 8.45 -21.81 -2.50
N ASP A 91 9.22 -22.77 -2.99
CA ASP A 91 10.48 -23.08 -2.34
C ASP A 91 11.44 -21.87 -2.33
N ILE A 92 11.56 -21.19 -3.47
CA ILE A 92 12.46 -20.03 -3.53
C ILE A 92 12.02 -18.96 -2.51
N TRP A 93 10.72 -18.75 -2.36
CA TRP A 93 10.24 -17.76 -1.39
C TRP A 93 10.70 -18.19 0.01
N GLN A 94 10.48 -19.46 0.33
CA GLN A 94 10.83 -19.95 1.67
C GLN A 94 12.33 -19.76 1.91
N VAL A 95 13.14 -20.10 0.92
CA VAL A 95 14.59 -19.89 1.00
C VAL A 95 14.94 -18.42 1.26
N MET A 96 14.40 -17.53 0.42
CA MET A 96 14.72 -16.11 0.58
C MET A 96 14.30 -15.58 1.94
N ASN A 97 13.10 -15.97 2.38
CA ASN A 97 12.53 -15.40 3.60
C ASN A 97 13.43 -15.54 4.82
N VAL A 98 14.10 -16.68 4.96
CA VAL A 98 14.93 -16.93 6.13
C VAL A 98 16.45 -16.88 5.84
N ASN A 99 16.80 -16.45 4.63
CA ASN A 99 18.18 -16.54 4.21
C ASN A 99 19.20 -15.77 5.06
N SER A 100 18.81 -14.64 5.64
CA SER A 100 19.74 -13.88 6.48
C SER A 100 19.56 -14.23 7.94
N TYR A 101 18.91 -15.35 8.24
CA TYR A 101 18.63 -15.78 9.63
C TYR A 101 17.65 -14.82 10.31
N TRP A 102 18.10 -13.65 10.72
CA TRP A 102 17.15 -12.59 11.10
C TRP A 102 16.34 -12.20 9.87
N ARG A 103 15.08 -11.86 10.06
CA ARG A 103 14.21 -11.70 8.91
C ARG A 103 13.08 -10.73 9.18
N ASN A 104 12.13 -10.66 8.25
CA ASN A 104 11.10 -9.65 8.26
C ASN A 104 11.70 -8.27 8.09
N GLY A 105 10.89 -7.23 8.21
CA GLY A 105 11.42 -5.89 8.07
C GLY A 105 11.26 -5.31 6.67
N PRO A 106 11.33 -3.97 6.57
CA PRO A 106 10.95 -3.30 5.32
C PRO A 106 12.01 -3.46 4.22
N ILE A 107 13.30 -3.43 4.57
CA ILE A 107 14.32 -3.54 3.54
C ILE A 107 14.43 -5.00 3.08
N THR A 108 14.53 -5.90 4.04
CA THR A 108 14.56 -7.34 3.79
C THR A 108 13.40 -7.76 2.88
N ASN A 109 12.18 -7.39 3.27
CA ASN A 109 11.02 -7.92 2.57
C ASN A 109 10.81 -7.31 1.20
N ASN A 110 11.14 -6.03 1.05
CA ASN A 110 11.02 -5.42 -0.27
C ASN A 110 11.94 -6.08 -1.28
N ALA A 111 13.15 -6.43 -0.86
CA ALA A 111 14.09 -7.09 -1.76
C ALA A 111 13.51 -8.45 -2.21
N ILE A 112 13.01 -9.22 -1.24
CA ILE A 112 12.39 -10.52 -1.51
C ILE A 112 11.19 -10.38 -2.46
N SER A 113 10.38 -9.37 -2.21
CA SER A 113 9.15 -9.13 -2.98
C SER A 113 9.46 -8.99 -4.47
N GLY A 114 10.50 -8.22 -4.79
CA GLY A 114 10.82 -7.98 -6.21
C GLY A 114 11.09 -9.28 -6.93
N ILE A 115 11.85 -10.17 -6.28
CA ILE A 115 12.10 -11.49 -6.85
C ILE A 115 10.83 -12.33 -6.95
N ASP A 116 10.08 -12.44 -5.86
CA ASP A 116 8.88 -13.26 -5.84
C ASP A 116 7.90 -12.82 -6.95
N MET A 117 7.65 -11.52 -7.08
CA MET A 117 6.75 -11.01 -8.13
C MET A 117 7.28 -11.36 -9.50
N ALA A 118 8.60 -11.21 -9.70
CA ALA A 118 9.17 -11.51 -11.00
C ALA A 118 8.98 -13.00 -11.35
N LEU A 119 9.13 -13.88 -10.36
CA LEU A 119 8.93 -15.31 -10.64
C LEU A 119 7.48 -15.61 -11.03
N TRP A 120 6.53 -14.95 -10.37
CA TRP A 120 5.13 -15.11 -10.76
C TRP A 120 4.88 -14.59 -12.18
N ASP A 121 5.53 -13.48 -12.51
CA ASP A 121 5.43 -12.90 -13.85
C ASP A 121 5.91 -13.94 -14.88
N ILE A 122 7.07 -14.53 -14.60
CA ILE A 122 7.61 -15.58 -15.46
C ILE A 122 6.63 -16.76 -15.59
N LYS A 123 6.08 -17.22 -14.48
CA LYS A 123 5.17 -18.36 -14.53
C LYS A 123 3.92 -18.05 -15.36
N GLY A 124 3.36 -16.85 -15.20
CA GLY A 124 2.22 -16.44 -16.01
C GLY A 124 2.56 -16.42 -17.49
N GLN A 125 3.74 -15.91 -17.82
CA GLN A 125 4.15 -15.89 -19.24
C GLN A 125 4.33 -17.30 -19.80
N LEU A 126 4.91 -18.21 -19.01
CA LEU A 126 5.07 -19.58 -19.47
C LEU A 126 3.70 -20.24 -19.67
N ALA A 127 2.75 -19.90 -18.81
CA ALA A 127 1.39 -20.45 -18.90
C ALA A 127 0.57 -19.77 -20.00
N ASP A 128 1.09 -18.65 -20.53
CA ASP A 128 0.33 -17.74 -21.40
C ASP A 128 -1.01 -17.34 -20.78
N MET A 129 -0.98 -16.93 -19.51
CA MET A 129 -2.16 -16.45 -18.80
C MET A 129 -1.83 -15.19 -18.05
N PRO A 130 -2.78 -14.24 -18.01
CA PRO A 130 -2.57 -13.14 -17.07
C PRO A 130 -2.49 -13.69 -15.66
N LEU A 131 -1.80 -12.97 -14.79
CA LEU A 131 -1.63 -13.45 -13.42
C LEU A 131 -2.98 -13.82 -12.75
N TYR A 132 -4.02 -13.00 -12.89
CA TYR A 132 -5.28 -13.32 -12.18
C TYR A 132 -5.85 -14.66 -12.65
N GLN A 133 -5.61 -15.01 -13.92
CA GLN A 133 -6.09 -16.29 -14.45
C GLN A 133 -5.26 -17.46 -13.96
N LEU A 134 -3.95 -17.27 -13.91
CA LEU A 134 -3.04 -18.28 -13.40
C LEU A 134 -3.43 -18.65 -11.95
N LEU A 135 -3.83 -17.64 -11.17
CA LEU A 135 -4.18 -17.84 -9.75
C LEU A 135 -5.51 -18.56 -9.53
N GLY A 136 -6.33 -18.70 -10.58
CA GLY A 136 -7.62 -19.34 -10.43
C GLY A 136 -8.78 -18.58 -11.03
N GLY A 137 -8.52 -17.43 -11.64
CA GLY A 137 -9.56 -16.69 -12.33
C GLY A 137 -10.23 -15.64 -11.46
N LYS A 138 -11.22 -14.95 -12.01
CA LYS A 138 -11.79 -13.80 -11.31
C LYS A 138 -12.85 -14.18 -10.30
N ALA A 139 -13.01 -13.31 -9.30
CA ALA A 139 -14.05 -13.44 -8.27
C ALA A 139 -15.08 -12.33 -8.40
N ARG A 140 -14.89 -11.46 -9.40
CA ARG A 140 -15.76 -10.31 -9.60
C ARG A 140 -15.53 -9.76 -10.99
N THR A 141 -16.39 -8.83 -11.40
CA THR A 141 -16.27 -8.20 -12.71
C THR A 141 -15.10 -7.21 -12.73
N ALA A 142 -15.01 -6.39 -11.69
CA ALA A 142 -14.01 -5.34 -11.61
C ALA A 142 -13.97 -4.92 -10.14
N ILE A 143 -12.82 -4.40 -9.69
CA ILE A 143 -12.71 -3.98 -8.29
C ILE A 143 -13.02 -2.48 -8.16
N PRO A 144 -13.86 -2.10 -7.18
CA PRO A 144 -14.11 -0.67 -7.01
C PRO A 144 -12.81 0.06 -6.64
N ALA A 145 -12.69 1.30 -7.08
CA ALA A 145 -11.52 2.13 -6.79
C ALA A 145 -11.91 3.28 -5.84
N TYR A 146 -10.93 3.80 -5.08
CA TYR A 146 -11.16 5.04 -4.35
C TYR A 146 -10.04 6.02 -4.63
N THR A 147 -10.41 7.30 -4.68
CA THR A 147 -9.45 8.36 -4.94
C THR A 147 -9.26 9.16 -3.66
N HIS A 148 -8.41 10.20 -3.73
CA HIS A 148 -8.13 11.04 -2.57
C HIS A 148 -8.48 12.50 -2.82
N ALA A 149 -9.29 13.05 -1.92
CA ALA A 149 -9.65 14.47 -1.93
C ALA A 149 -9.09 15.12 -0.68
N VAL A 150 -8.17 16.07 -0.87
CA VAL A 150 -7.53 16.77 0.25
C VAL A 150 -7.41 18.23 -0.09
N ALA A 151 -7.80 19.07 0.87
CA ALA A 151 -7.73 20.52 0.71
C ALA A 151 -7.68 21.19 2.08
N ASP A 152 -7.22 22.44 2.12
CA ASP A 152 -7.21 23.15 3.41
C ASP A 152 -8.50 23.92 3.72
N ASN A 153 -9.52 23.81 2.87
CA ASN A 153 -10.82 24.42 3.15
C ASN A 153 -11.93 23.59 2.52
N LEU A 154 -13.15 23.69 3.06
CA LEU A 154 -14.26 22.86 2.60
C LEU A 154 -14.64 23.11 1.14
N ASP A 155 -14.64 24.37 0.71
CA ASP A 155 -15.01 24.68 -0.66
C ASP A 155 -14.15 23.94 -1.68
N ASP A 156 -12.83 23.99 -1.51
CA ASP A 156 -11.90 23.31 -2.40
C ASP A 156 -12.06 21.80 -2.32
N LEU A 157 -12.34 21.29 -1.10
CA LEU A 157 -12.61 19.88 -0.91
C LEU A 157 -13.85 19.45 -1.70
N TYR A 158 -14.92 20.23 -1.62
CA TYR A 158 -16.14 19.92 -2.38
C TYR A 158 -15.85 19.89 -3.88
N HIS A 159 -15.01 20.78 -4.36
CA HIS A 159 -14.71 20.80 -5.79
C HIS A 159 -14.02 19.51 -6.20
N GLU A 160 -13.13 18.99 -5.34
CA GLU A 160 -12.44 17.73 -5.61
C GLU A 160 -13.44 16.59 -5.61
N ILE A 161 -14.28 16.56 -4.58
CA ILE A 161 -15.30 15.53 -4.47
C ILE A 161 -16.24 15.56 -5.70
N ASP A 162 -16.68 16.75 -6.09
CA ASP A 162 -17.58 16.86 -7.25
C ASP A 162 -16.98 16.25 -8.52
N ARG A 163 -15.70 16.51 -8.71
CA ARG A 163 -15.00 16.01 -9.89
C ARG A 163 -14.93 14.48 -9.86
N PHE A 164 -14.59 13.92 -8.70
CA PHE A 164 -14.52 12.48 -8.59
C PHE A 164 -15.89 11.83 -8.78
N LEU A 165 -16.94 12.48 -8.28
CA LEU A 165 -18.28 11.90 -8.40
C LEU A 165 -18.67 11.82 -9.87
N ALA A 166 -18.38 12.89 -10.59
CA ALA A 166 -18.70 12.95 -12.02
C ALA A 166 -17.93 11.87 -12.79
N ALA A 167 -16.73 11.55 -12.29
CA ALA A 167 -15.88 10.53 -12.90
C ALA A 167 -16.31 9.10 -12.58
N GLY A 168 -17.31 8.95 -11.72
CA GLY A 168 -17.84 7.63 -11.40
C GLY A 168 -17.40 7.02 -10.08
N TYR A 169 -16.58 7.74 -9.30
CA TYR A 169 -16.13 7.21 -8.00
C TYR A 169 -17.26 7.19 -7.01
N ARG A 170 -17.35 6.10 -6.25
CA ARG A 170 -18.37 5.99 -5.20
C ARG A 170 -17.73 5.92 -3.83
N TYR A 171 -16.40 6.02 -3.82
CA TYR A 171 -15.60 5.91 -2.60
C TYR A 171 -14.52 6.94 -2.72
N ILE A 172 -14.38 7.81 -1.72
CA ILE A 172 -13.40 8.89 -1.78
C ILE A 172 -12.80 9.09 -0.39
N ARG A 173 -11.46 9.02 -0.32
CA ARG A 173 -10.77 9.34 0.92
C ARG A 173 -10.71 10.86 1.06
N CYS A 174 -11.18 11.36 2.20
CA CYS A 174 -11.33 12.81 2.41
C CYS A 174 -10.49 13.30 3.57
N GLN A 175 -9.78 14.40 3.35
CA GLN A 175 -9.01 15.03 4.41
C GLN A 175 -9.12 16.54 4.29
N LEU A 176 -9.44 17.18 5.41
CA LEU A 176 -9.54 18.63 5.51
C LEU A 176 -8.41 19.16 6.38
N GLY A 177 -7.63 20.06 5.83
CA GLY A 177 -6.47 20.61 6.52
C GLY A 177 -5.22 19.79 6.26
N PHE A 178 -4.08 20.43 6.52
CA PHE A 178 -2.78 19.76 6.43
C PHE A 178 -2.18 19.73 7.83
N TYR A 179 -1.50 18.64 8.18
CA TYR A 179 -1.05 18.42 9.56
C TYR A 179 0.45 18.20 9.66
N GLY A 180 1.18 19.30 9.48
CA GLY A 180 2.64 19.28 9.48
C GLY A 180 3.10 20.71 9.26
N GLY A 181 4.40 20.91 9.23
CA GLY A 181 4.94 22.22 8.95
C GLY A 181 5.71 22.84 10.10
N ASN A 182 6.18 24.02 9.87
CA ASN A 182 7.01 24.68 10.81
C ASN A 182 6.38 24.96 12.15
N PRO A 183 7.14 24.82 13.22
CA PRO A 183 6.56 25.10 14.54
C PRO A 183 6.14 26.56 14.68
N SER A 184 6.58 27.42 13.76
CA SER A 184 6.16 28.83 13.81
C SER A 184 4.65 28.98 13.61
N GLN A 185 4.04 27.96 13.02
CA GLN A 185 2.63 28.04 12.60
C GLN A 185 1.63 27.67 13.69
N LEU A 186 2.12 27.29 14.86
CA LEU A 186 1.22 27.00 15.98
C LEU A 186 1.89 27.34 17.30
N GLN A 187 1.13 27.30 18.39
CA GLN A 187 1.67 27.58 19.71
C GLN A 187 2.57 26.44 20.19
N THR A 188 3.83 26.76 20.43
CA THR A 188 4.80 25.80 20.98
C THR A 188 5.62 26.50 22.06
N PRO A 189 6.40 25.70 22.81
CA PRO A 189 7.39 26.30 23.69
C PRO A 189 8.44 27.03 22.86
N GLU A 190 9.23 27.87 23.52
CA GLU A 190 10.32 28.55 22.84
C GLU A 190 11.42 27.58 22.41
N GLU A 191 12.13 27.94 21.34
CA GLU A 191 13.19 27.11 20.76
C GLU A 191 12.75 25.66 20.54
N PRO A 192 11.63 25.47 19.80
CA PRO A 192 11.11 24.12 19.57
C PRO A 192 12.10 23.25 18.82
N ILE A 193 12.16 21.97 19.19
CA ILE A 193 12.96 21.01 18.46
C ILE A 193 12.49 21.00 17.00
N SER A 194 13.42 20.99 16.04
CA SER A 194 13.01 20.99 14.63
C SER A 194 12.11 19.79 14.30
N GLY A 195 11.12 20.02 13.44
CA GLY A 195 10.25 18.92 13.02
C GLY A 195 9.04 19.44 12.27
N SER A 196 8.15 18.51 11.93
CA SER A 196 6.90 18.81 11.24
C SER A 196 5.79 18.76 12.29
N TYR A 197 5.22 19.92 12.62
CA TYR A 197 4.35 20.07 13.78
C TYR A 197 2.88 20.07 13.44
N PHE A 198 2.08 19.48 14.34
CA PHE A 198 0.63 19.62 14.26
C PHE A 198 0.04 19.45 15.64
N ASP A 199 -1.25 19.78 15.76
CA ASP A 199 -1.96 19.70 17.01
C ASP A 199 -3.03 18.61 16.88
N GLN A 200 -2.96 17.59 17.73
CA GLN A 200 -3.87 16.44 17.63
C GLN A 200 -5.31 16.83 17.84
N THR A 201 -5.55 17.75 18.78
CA THR A 201 -6.92 18.14 19.05
CA THR A 201 -6.91 18.18 19.07
C THR A 201 -7.50 18.92 17.87
N ASP A 202 -6.69 19.80 17.26
CA ASP A 202 -7.14 20.50 16.07
CA ASP A 202 -7.11 20.51 16.04
C ASP A 202 -7.43 19.51 14.94
N TYR A 203 -6.55 18.53 14.76
CA TYR A 203 -6.76 17.51 13.74
C TYR A 203 -8.10 16.79 13.94
N MET A 204 -8.37 16.34 15.17
CA MET A 204 -9.61 15.61 15.43
CA MET A 204 -9.62 15.61 15.42
C MET A 204 -10.85 16.48 15.21
N GLU A 205 -10.82 17.69 15.76
CA GLU A 205 -11.96 18.61 15.65
C GLU A 205 -12.24 18.97 14.18
N THR A 206 -11.18 19.26 13.44
CA THR A 206 -11.33 19.67 12.03
C THR A 206 -11.88 18.52 11.20
N THR A 207 -11.42 17.30 11.49
CA THR A 207 -11.86 16.15 10.73
C THR A 207 -13.33 15.82 11.01
N LEU A 208 -13.74 15.90 12.28
CA LEU A 208 -15.16 15.67 12.59
C LEU A 208 -16.02 16.76 11.93
N LYS A 209 -15.53 17.99 11.91
CA LYS A 209 -16.23 19.07 11.20
C LYS A 209 -16.41 18.70 9.72
N MET A 210 -15.36 18.17 9.13
CA MET A 210 -15.40 17.72 7.73
C MET A 210 -16.43 16.60 7.51
N PHE A 211 -16.42 15.60 8.39
CA PHE A 211 -17.37 14.48 8.25
C PHE A 211 -18.79 15.04 8.23
N ALA A 212 -19.07 15.94 9.17
CA ALA A 212 -20.42 16.45 9.31
C ALA A 212 -20.83 17.26 8.08
N ALA A 213 -19.90 18.06 7.55
CA ALA A 213 -20.20 18.94 6.42
C ALA A 213 -20.43 18.10 5.16
N ILE A 214 -19.60 17.09 4.97
CA ILE A 214 -19.74 16.24 3.79
C ILE A 214 -21.04 15.45 3.86
N LYS A 215 -21.37 14.96 5.06
CA LYS A 215 -22.60 14.20 5.21
C LYS A 215 -23.82 15.06 4.90
N GLU A 216 -23.81 16.30 5.38
CA GLU A 216 -24.94 17.20 5.17
CA GLU A 216 -24.93 17.22 5.17
C GLU A 216 -25.09 17.54 3.68
N LYS A 217 -23.97 17.75 3.00
CA LYS A 217 -23.99 18.14 1.59
C LYS A 217 -24.25 16.98 0.63
N TYR A 218 -23.61 15.85 0.86
CA TYR A 218 -23.62 14.74 -0.11
C TYR A 218 -24.45 13.52 0.29
N GLY A 219 -24.76 13.42 1.59
CA GLY A 219 -25.48 12.27 2.10
C GLY A 219 -24.91 10.93 1.64
N ASN A 220 -25.74 10.18 0.93
CA ASN A 220 -25.44 8.81 0.52
C ASN A 220 -24.79 8.72 -0.85
N GLN A 221 -24.41 9.87 -1.43
CA GLN A 221 -23.92 9.88 -2.81
C GLN A 221 -22.62 9.10 -2.97
N PHE A 222 -21.81 9.08 -1.92
CA PHE A 222 -20.60 8.27 -1.93
C PHE A 222 -20.23 7.95 -0.50
N GLN A 223 -19.29 7.02 -0.32
CA GLN A 223 -18.78 6.70 1.00
C GLN A 223 -17.42 7.29 1.21
N MET A 224 -17.26 8.00 2.32
CA MET A 224 -15.97 8.55 2.71
C MET A 224 -15.06 7.47 3.27
N LEU A 225 -13.77 7.65 3.03
CA LEU A 225 -12.73 6.98 3.80
C LEU A 225 -11.92 8.06 4.51
N HIS A 226 -11.22 7.71 5.58
CA HIS A 226 -10.32 8.68 6.19
C HIS A 226 -9.16 7.92 6.81
N ASP A 227 -7.96 8.48 6.67
CA ASP A 227 -6.72 7.87 7.18
C ASP A 227 -6.16 8.69 8.35
N VAL A 228 -6.27 8.13 9.55
CA VAL A 228 -5.75 8.75 10.76
C VAL A 228 -4.23 8.74 10.80
N HIS A 229 -3.63 7.80 10.07
CA HIS A 229 -2.17 7.81 9.84
C HIS A 229 -1.39 7.89 11.16
N GLU A 230 -1.83 7.09 12.12
CA GLU A 230 -1.20 6.96 13.44
C GLU A 230 -0.86 8.28 14.15
N ARG A 231 -1.70 9.29 13.96
CA ARG A 231 -1.47 10.64 14.52
C ARG A 231 -1.77 10.75 16.00
N LEU A 232 -2.38 9.73 16.61
CA LEU A 232 -3.03 9.91 17.90
C LEU A 232 -2.46 9.01 19.00
N HIS A 233 -2.56 9.46 20.24
CA HIS A 233 -2.32 8.60 21.38
C HIS A 233 -3.49 7.60 21.51
N PRO A 234 -3.29 6.51 22.26
CA PRO A 234 -4.29 5.43 22.15
C PRO A 234 -5.72 5.84 22.53
N ASN A 235 -5.89 6.48 23.68
CA ASN A 235 -7.25 6.87 24.04
C ASN A 235 -7.85 7.87 23.04
N GLN A 236 -7.02 8.78 22.51
CA GLN A 236 -7.50 9.72 21.49
C GLN A 236 -8.02 8.96 20.27
N ALA A 237 -7.27 7.95 19.85
CA ALA A 237 -7.65 7.13 18.72
C ALA A 237 -9.00 6.46 18.96
N ILE A 238 -9.18 5.92 20.17
CA ILE A 238 -10.45 5.25 20.46
C ILE A 238 -11.59 6.26 20.43
N GLN A 239 -11.40 7.43 21.06
CA GLN A 239 -12.47 8.43 21.05
C GLN A 239 -12.80 8.88 19.64
N PHE A 240 -11.76 9.09 18.85
CA PHE A 240 -11.96 9.59 17.49
C PHE A 240 -12.70 8.56 16.63
N ALA A 241 -12.29 7.29 16.73
CA ALA A 241 -13.00 6.24 15.99
C ALA A 241 -14.46 6.14 16.40
N LYS A 242 -14.75 6.26 17.71
CA LYS A 242 -16.14 6.25 18.15
C LYS A 242 -16.89 7.41 17.51
N ALA A 243 -16.26 8.59 17.50
CA ALA A 243 -16.92 9.79 16.97
C ALA A 243 -17.17 9.69 15.46
N ALA A 244 -16.41 8.84 14.78
CA ALA A 244 -16.58 8.67 13.33
C ALA A 244 -17.77 7.79 12.98
N GLU A 245 -18.28 7.05 13.95
CA GLU A 245 -19.28 6.04 13.67
C GLU A 245 -20.55 6.56 12.95
N PRO A 246 -21.11 7.70 13.37
CA PRO A 246 -22.33 8.18 12.72
C PRO A 246 -22.17 8.53 11.22
N TYR A 247 -20.93 8.62 10.74
CA TYR A 247 -20.68 9.10 9.37
C TYR A 247 -20.54 7.99 8.34
N GLN A 248 -20.62 6.75 8.81
CA GLN A 248 -20.71 5.61 7.91
C GLN A 248 -19.60 5.60 6.86
N LEU A 249 -18.37 5.73 7.32
CA LEU A 249 -17.22 5.59 6.46
C LEU A 249 -17.14 4.19 5.88
N PHE A 250 -16.52 4.06 4.71
CA PHE A 250 -16.22 2.72 4.20
C PHE A 250 -15.21 2.06 5.15
N PHE A 251 -14.14 2.79 5.49
CA PHE A 251 -13.31 2.44 6.62
C PHE A 251 -12.56 3.63 7.19
N LEU A 252 -12.16 3.48 8.46
CA LEU A 252 -11.30 4.44 9.13
C LEU A 252 -9.97 3.71 9.29
N GLU A 253 -8.90 4.35 8.84
CA GLU A 253 -7.65 3.65 8.66
C GLU A 253 -6.54 4.09 9.63
N ASP A 254 -5.76 3.11 10.13
CA ASP A 254 -4.56 3.35 10.94
C ASP A 254 -4.80 4.28 12.13
N ILE A 255 -5.80 3.93 12.93
CA ILE A 255 -6.09 4.74 14.09
C ILE A 255 -5.00 4.59 15.17
N LEU A 256 -4.24 3.49 15.12
CA LEU A 256 -3.19 3.19 16.10
C LEU A 256 -1.92 2.77 15.35
N PRO A 257 -0.76 3.01 15.94
CA PRO A 257 0.49 2.46 15.39
C PRO A 257 0.52 0.94 15.56
N PRO A 258 1.37 0.27 14.80
CA PRO A 258 1.34 -1.18 14.82
C PRO A 258 1.60 -1.81 16.17
N ASP A 259 2.46 -1.22 17.00
CA ASP A 259 2.73 -1.84 18.29
C ASP A 259 1.74 -1.48 19.39
N GLN A 260 0.68 -0.76 19.07
CA GLN A 260 -0.36 -0.48 20.07
C GLN A 260 -1.73 -0.90 19.54
N SER A 261 -1.74 -1.78 18.56
CA SER A 261 -2.97 -2.25 17.97
C SER A 261 -3.84 -3.01 18.97
N HIS A 262 -3.27 -3.50 20.06
CA HIS A 262 -4.07 -4.23 21.03
C HIS A 262 -5.11 -3.32 21.70
N TRP A 263 -4.86 -2.02 21.69
CA TRP A 263 -5.83 -1.07 22.22
C TRP A 263 -7.17 -1.13 21.46
N LEU A 264 -7.18 -1.72 20.26
CA LEU A 264 -8.44 -1.94 19.57
C LEU A 264 -9.44 -2.74 20.40
N THR A 265 -8.97 -3.55 21.35
CA THR A 265 -9.91 -4.36 22.11
CA THR A 265 -9.88 -4.35 22.13
C THR A 265 -10.94 -3.45 22.81
N GLN A 266 -10.48 -2.34 23.38
CA GLN A 266 -11.40 -1.42 24.03
C GLN A 266 -12.37 -0.76 23.03
N LEU A 267 -11.85 -0.38 21.86
CA LEU A 267 -12.70 0.24 20.86
C LEU A 267 -13.77 -0.72 20.35
N ARG A 268 -13.35 -1.95 20.02
CA ARG A 268 -14.25 -2.89 19.33
C ARG A 268 -15.44 -3.27 20.20
N SER A 269 -15.27 -3.25 21.52
CA SER A 269 -16.39 -3.62 22.38
CA SER A 269 -16.35 -3.60 22.40
C SER A 269 -17.44 -2.53 22.52
N GLN A 270 -17.15 -1.32 22.03
CA GLN A 270 -18.12 -0.23 22.16
C GLN A 270 -18.42 0.53 20.88
N SER A 271 -17.78 0.14 19.78
CA SER A 271 -17.97 0.85 18.52
C SER A 271 -18.01 -0.12 17.35
N ALA A 272 -18.78 0.25 16.33
CA ALA A 272 -18.84 -0.53 15.10
C ALA A 272 -18.31 0.27 13.90
N THR A 273 -17.51 1.29 14.17
CA THR A 273 -16.82 1.97 13.06
C THR A 273 -15.95 0.94 12.32
N PRO A 274 -16.02 0.90 10.98
CA PRO A 274 -15.17 -0.07 10.27
C PRO A 274 -13.69 0.32 10.35
N ILE A 275 -12.84 -0.66 10.68
CA ILE A 275 -11.43 -0.41 10.95
C ILE A 275 -10.56 -1.09 9.91
N ALA A 276 -9.63 -0.32 9.36
CA ALA A 276 -8.65 -0.85 8.42
C ALA A 276 -7.28 -0.56 9.03
N THR A 277 -6.36 -1.49 8.88
CA THR A 277 -4.99 -1.20 9.24
C THR A 277 -4.08 -2.15 8.53
N GLY A 278 -2.78 -1.84 8.52
CA GLY A 278 -1.78 -2.81 8.09
C GLY A 278 -0.78 -2.33 7.05
N GLU A 279 -0.96 -1.13 6.50
CA GLU A 279 0.04 -0.70 5.48
C GLU A 279 1.46 -0.70 6.02
N LEU A 280 1.61 -0.52 7.34
CA LEU A 280 2.93 -0.48 7.94
C LEU A 280 3.51 -1.87 8.23
N PHE A 281 2.70 -2.91 8.11
CA PHE A 281 3.13 -4.22 8.58
C PHE A 281 4.22 -4.85 7.72
N ASN A 282 5.22 -5.42 8.38
CA ASN A 282 6.25 -6.20 7.70
C ASN A 282 6.73 -7.37 8.54
N ASN A 283 5.87 -7.83 9.45
CA ASN A 283 6.18 -8.95 10.32
C ASN A 283 4.87 -9.63 10.69
N PRO A 284 4.74 -10.96 10.49
CA PRO A 284 3.44 -11.60 10.75
C PRO A 284 2.94 -11.40 12.18
N MET A 285 3.84 -11.21 13.15
CA MET A 285 3.37 -11.00 14.54
C MET A 285 2.64 -9.67 14.70
N GLU A 286 2.75 -8.76 13.72
CA GLU A 286 1.93 -7.55 13.77
C GLU A 286 0.46 -7.82 13.53
N TRP A 287 0.15 -8.87 12.75
CA TRP A 287 -1.26 -9.11 12.36
C TRP A 287 -1.87 -10.39 12.89
N GLN A 288 -1.04 -11.28 13.43
CA GLN A 288 -1.54 -12.62 13.72
C GLN A 288 -2.75 -12.58 14.64
N GLU A 289 -2.61 -11.91 15.79
CA GLU A 289 -3.72 -11.81 16.73
C GLU A 289 -4.86 -10.94 16.24
N LEU A 290 -4.54 -9.84 15.55
CA LEU A 290 -5.59 -8.94 15.03
C LEU A 290 -6.54 -9.72 14.12
N VAL A 291 -5.97 -10.52 13.23
CA VAL A 291 -6.80 -11.26 12.28
C VAL A 291 -7.56 -12.40 12.96
N LYS A 292 -6.83 -13.20 13.76
CA LYS A 292 -7.41 -14.32 14.49
C LYS A 292 -8.59 -13.87 15.35
N ASN A 293 -8.49 -12.67 15.93
CA ASN A 293 -9.50 -12.18 16.84
C ASN A 293 -10.49 -11.20 16.21
N ARG A 294 -10.42 -11.08 14.89
CA ARG A 294 -11.38 -10.27 14.14
C ARG A 294 -11.45 -8.83 14.67
N GLN A 295 -10.27 -8.31 14.99
CA GLN A 295 -10.20 -6.96 15.57
CA GLN A 295 -10.10 -6.96 15.57
C GLN A 295 -10.08 -5.85 14.52
N ILE A 296 -9.95 -6.25 13.25
CA ILE A 296 -9.97 -5.32 12.14
C ILE A 296 -10.95 -5.85 11.10
N ASP A 297 -11.45 -4.94 10.25
CA ASP A 297 -12.37 -5.32 9.17
C ASP A 297 -11.68 -5.44 7.84
N PHE A 298 -10.62 -4.63 7.64
CA PHE A 298 -9.87 -4.62 6.39
C PHE A 298 -8.38 -4.67 6.72
N MET A 299 -7.69 -5.57 6.04
CA MET A 299 -6.24 -5.69 6.10
C MET A 299 -5.64 -4.87 4.96
N ARG A 300 -4.75 -3.93 5.30
CA ARG A 300 -4.24 -2.99 4.31
CA ARG A 300 -4.21 -2.94 4.38
C ARG A 300 -2.75 -3.20 4.00
N ALA A 301 -2.31 -4.45 4.06
CA ALA A 301 -0.87 -4.74 3.82
C ALA A 301 -0.39 -4.16 2.52
N HIS A 302 0.87 -3.74 2.55
CA HIS A 302 1.57 -3.32 1.35
C HIS A 302 2.29 -4.59 0.88
N VAL A 303 1.94 -5.09 -0.31
CA VAL A 303 2.38 -6.41 -0.72
C VAL A 303 3.92 -6.54 -0.67
N SER A 304 4.65 -5.53 -1.12
CA SER A 304 6.11 -5.66 -1.13
C SER A 304 6.69 -5.66 0.30
N GLN A 305 5.99 -5.03 1.24
CA GLN A 305 6.44 -4.98 2.65
C GLN A 305 6.29 -6.32 3.37
N ILE A 306 5.40 -7.18 2.84
CA ILE A 306 5.23 -8.50 3.43
C ILE A 306 5.93 -9.60 2.63
N GLY A 307 6.65 -9.20 1.58
CA GLY A 307 7.49 -10.16 0.87
C GLY A 307 6.96 -10.71 -0.44
N GLY A 308 5.91 -10.10 -1.00
CA GLY A 308 5.49 -10.44 -2.37
C GLY A 308 4.15 -11.16 -2.47
N ILE A 309 3.88 -11.70 -3.65
CA ILE A 309 2.60 -12.35 -3.95
C ILE A 309 2.45 -13.62 -3.14
N THR A 310 3.52 -14.41 -3.02
CA THR A 310 3.44 -15.68 -2.29
C THR A 310 2.85 -15.51 -0.87
N PRO A 311 3.44 -14.63 -0.04
CA PRO A 311 2.85 -14.45 1.30
C PRO A 311 1.53 -13.65 1.28
N ALA A 312 1.32 -12.81 0.27
CA ALA A 312 0.08 -12.04 0.16
C ALA A 312 -1.12 -12.98 -0.03
N LEU A 313 -0.97 -14.00 -0.88
CA LEU A 313 -2.06 -14.97 -1.11
C LEU A 313 -2.40 -15.68 0.19
N LYS A 314 -1.38 -16.12 0.93
CA LYS A 314 -1.62 -16.83 2.19
C LYS A 314 -2.34 -15.92 3.18
N LEU A 315 -1.88 -14.68 3.28
CA LEU A 315 -2.50 -13.73 4.21
C LEU A 315 -3.94 -13.46 3.82
N ALA A 316 -4.21 -13.27 2.52
CA ALA A 316 -5.58 -13.05 2.07
C ALA A 316 -6.47 -14.24 2.44
N HIS A 317 -5.96 -15.46 2.33
CA HIS A 317 -6.75 -16.65 2.67
C HIS A 317 -6.98 -16.77 4.18
N PHE A 318 -5.95 -16.49 4.98
CA PHE A 318 -6.11 -16.43 6.44
C PHE A 318 -7.18 -15.40 6.79
N CYS A 319 -7.06 -14.19 6.25
CA CYS A 319 -8.08 -13.18 6.49
C CYS A 319 -9.48 -13.70 6.09
N ASP A 320 -9.58 -14.32 4.91
CA ASP A 320 -10.88 -14.78 4.41
C ASP A 320 -11.53 -15.78 5.41
N ALA A 321 -10.73 -16.68 5.98
CA ALA A 321 -11.24 -17.64 6.95
C ALA A 321 -11.95 -16.94 8.10
N MET A 322 -11.42 -15.77 8.50
CA MET A 322 -11.93 -15.00 9.63
C MET A 322 -12.96 -13.95 9.21
N GLY A 323 -13.27 -13.88 7.92
CA GLY A 323 -14.20 -12.85 7.42
C GLY A 323 -13.59 -11.45 7.30
N VAL A 324 -12.25 -11.37 7.35
CA VAL A 324 -11.57 -10.10 7.21
C VAL A 324 -11.31 -9.87 5.71
N ARG A 325 -11.55 -8.64 5.25
CA ARG A 325 -11.38 -8.30 3.85
CA ARG A 325 -11.39 -8.28 3.84
C ARG A 325 -10.04 -7.65 3.57
N ILE A 326 -9.70 -7.53 2.29
CA ILE A 326 -8.40 -7.06 1.86
C ILE A 326 -8.50 -5.74 1.11
N ALA A 327 -7.61 -4.81 1.41
CA ALA A 327 -7.51 -3.56 0.67
C ALA A 327 -6.04 -3.20 0.62
N TRP A 328 -5.30 -3.80 -0.32
CA TRP A 328 -3.84 -3.65 -0.33
C TRP A 328 -3.46 -2.18 -0.43
N HIS A 329 -2.39 -1.81 0.28
CA HIS A 329 -1.91 -0.42 0.24
C HIS A 329 -1.37 -0.12 -1.16
N THR A 330 -1.92 0.88 -1.83
CA THR A 330 -1.57 1.17 -3.22
C THR A 330 -1.41 2.68 -3.35
N PRO A 331 -0.35 3.21 -2.76
CA PRO A 331 -0.13 4.65 -2.70
C PRO A 331 0.58 5.17 -3.97
N SER A 332 0.88 6.43 -3.99
CA SER A 332 1.63 6.99 -5.10
C SER A 332 3.05 6.46 -5.20
N ASP A 333 3.63 6.09 -4.06
CA ASP A 333 4.95 5.52 -4.02
C ASP A 333 4.94 4.00 -4.18
N ILE A 334 4.48 3.53 -5.31
CA ILE A 334 4.44 2.13 -5.66
C ILE A 334 4.82 2.19 -7.13
N SER A 335 5.50 1.18 -7.63
CA SER A 335 5.82 1.14 -9.04
C SER A 335 4.63 0.63 -9.82
N PRO A 336 4.60 0.88 -11.11
CA PRO A 336 3.51 0.32 -11.90
C PRO A 336 3.50 -1.22 -11.86
N VAL A 337 4.64 -1.85 -11.60
CA VAL A 337 4.66 -3.30 -11.44
C VAL A 337 3.84 -3.68 -10.19
N GLY A 338 4.08 -2.97 -9.09
CA GLY A 338 3.31 -3.25 -7.86
C GLY A 338 1.84 -2.94 -8.03
N LEU A 339 1.52 -1.86 -8.75
CA LEU A 339 0.14 -1.50 -9.08
C LEU A 339 -0.57 -2.61 -9.86
N ALA A 340 0.10 -3.14 -10.89
CA ALA A 340 -0.45 -4.23 -11.70
C ALA A 340 -0.68 -5.48 -10.85
N VAL A 341 0.28 -5.81 -10.01
CA VAL A 341 0.13 -6.98 -9.16
C VAL A 341 -1.11 -6.84 -8.28
N ASN A 342 -1.27 -5.67 -7.66
CA ASN A 342 -2.46 -5.46 -6.80
C ASN A 342 -3.75 -5.60 -7.59
N THR A 343 -3.73 -5.17 -8.85
CA THR A 343 -4.92 -5.26 -9.69
C THR A 343 -5.30 -6.73 -9.93
N HIS A 344 -4.30 -7.56 -10.26
CA HIS A 344 -4.55 -8.98 -10.44
C HIS A 344 -5.06 -9.63 -9.16
N LEU A 345 -4.42 -9.31 -8.03
CA LEU A 345 -4.86 -9.89 -6.76
C LEU A 345 -6.31 -9.47 -6.44
N ASN A 346 -6.65 -8.21 -6.74
CA ASN A 346 -7.98 -7.68 -6.45
C ASN A 346 -9.07 -8.28 -7.33
N ILE A 347 -8.72 -8.64 -8.55
CA ILE A 347 -9.68 -9.30 -9.43
C ILE A 347 -9.90 -10.75 -9.00
N HIS A 348 -8.83 -11.41 -8.54
CA HIS A 348 -8.89 -12.83 -8.20
C HIS A 348 -9.46 -13.15 -6.80
N LEU A 349 -9.08 -12.37 -5.78
CA LEU A 349 -9.36 -12.78 -4.40
C LEU A 349 -10.79 -12.45 -3.99
N HIS A 350 -11.52 -13.45 -3.49
CA HIS A 350 -12.92 -13.22 -3.18
C HIS A 350 -13.12 -12.14 -2.12
N ASN A 351 -12.18 -12.04 -1.17
CA ASN A 351 -12.30 -11.05 -0.09
C ASN A 351 -11.62 -9.70 -0.35
N ALA A 352 -11.16 -9.46 -1.59
CA ALA A 352 -10.65 -8.13 -1.92
C ALA A 352 -11.82 -7.15 -1.93
N ALA A 353 -11.62 -5.93 -1.42
CA ALA A 353 -12.71 -4.99 -1.24
C ALA A 353 -12.62 -3.74 -2.12
N ILE A 354 -11.44 -3.16 -2.24
CA ILE A 354 -11.33 -1.87 -2.90
C ILE A 354 -9.88 -1.62 -3.28
N GLN A 355 -9.67 -0.79 -4.30
CA GLN A 355 -8.33 -0.49 -4.76
C GLN A 355 -8.08 0.99 -4.71
N GLU A 356 -7.20 1.37 -3.80
CA GLU A 356 -6.73 2.70 -3.63
C GLU A 356 -6.10 3.13 -4.94
N THR A 357 -6.43 4.33 -5.41
CA THR A 357 -5.84 4.82 -6.64
C THR A 357 -5.38 6.28 -6.55
N ILE A 358 -4.18 6.49 -7.07
CA ILE A 358 -3.66 7.83 -7.35
C ILE A 358 -3.19 7.86 -8.81
N GLU A 359 -3.53 8.94 -9.52
CA GLU A 359 -3.15 9.10 -10.94
C GLU A 359 -1.64 8.93 -11.20
N LEU A 360 -1.29 8.28 -12.30
CA LEU A 360 0.11 8.07 -12.68
C LEU A 360 0.64 9.18 -13.60
N PRO A 361 1.78 9.78 -13.25
CA PRO A 361 2.33 10.87 -14.08
C PRO A 361 3.01 10.39 -15.37
N ALA A 362 3.34 11.34 -16.25
CA ALA A 362 3.80 11.05 -17.61
C ALA A 362 5.18 10.41 -17.72
N ASN A 363 6.14 10.90 -16.93
CA ASN A 363 7.48 10.33 -16.94
C ASN A 363 7.44 8.85 -16.56
N THR A 364 6.65 8.53 -15.55
CA THR A 364 6.50 7.13 -15.12
C THR A 364 5.93 6.27 -16.26
N GLN A 365 4.94 6.80 -16.99
CA GLN A 365 4.34 6.05 -18.09
C GLN A 365 5.33 5.87 -19.24
N SER A 366 6.34 6.74 -19.28
CA SER A 366 7.41 6.65 -20.25
C SER A 366 8.36 5.47 -19.99
N VAL A 367 8.53 5.11 -18.73
CA VAL A 367 9.42 4.02 -18.32
C VAL A 367 8.67 2.69 -18.21
N PHE A 368 7.42 2.74 -17.75
CA PHE A 368 6.63 1.52 -17.59
C PHE A 368 5.48 1.55 -18.56
N VAL A 369 5.35 0.49 -19.36
CA VAL A 369 4.22 0.35 -20.28
C VAL A 369 3.23 -0.68 -19.77
N GLY A 370 1.93 -0.37 -19.87
CA GLY A 370 0.89 -1.34 -19.55
C GLY A 370 0.17 -1.12 -18.24
N SER A 371 0.48 -0.01 -17.56
CA SER A 371 -0.11 0.27 -16.26
C SER A 371 -1.62 0.33 -16.35
N PRO A 372 -2.31 -0.29 -15.39
CA PRO A 372 -3.76 -0.19 -15.34
C PRO A 372 -4.22 1.20 -14.87
N GLN A 373 -5.38 1.62 -15.36
CA GLN A 373 -6.00 2.89 -14.94
C GLN A 373 -7.47 2.62 -14.69
N PRO A 374 -8.06 3.29 -13.70
CA PRO A 374 -9.45 3.08 -13.39
C PRO A 374 -10.34 3.60 -14.51
N LYS A 375 -11.45 2.91 -14.74
CA LYS A 375 -12.42 3.30 -15.75
C LYS A 375 -13.77 3.37 -15.06
N GLY A 376 -14.41 4.54 -15.09
CA GLY A 376 -15.69 4.71 -14.42
C GLY A 376 -15.72 4.27 -12.97
N GLY A 377 -14.59 4.44 -12.26
CA GLY A 377 -14.54 4.13 -10.82
C GLY A 377 -14.22 2.69 -10.46
N PHE A 378 -13.79 1.89 -11.44
CA PHE A 378 -13.39 0.50 -11.22
C PHE A 378 -12.08 0.18 -11.92
N PHE A 379 -11.34 -0.80 -11.41
CA PHE A 379 -10.26 -1.40 -12.19
C PHE A 379 -10.71 -2.75 -12.75
N TYR A 380 -10.53 -2.91 -14.06
CA TYR A 380 -10.90 -4.12 -14.76
C TYR A 380 -9.74 -5.11 -14.86
N PRO A 381 -10.04 -6.38 -15.14
CA PRO A 381 -8.94 -7.35 -15.28
C PRO A 381 -7.96 -6.95 -16.38
N MET A 382 -6.68 -7.18 -16.10
CA MET A 382 -5.60 -6.98 -17.05
C MET A 382 -5.37 -8.27 -17.81
N GLU A 383 -5.21 -8.18 -19.14
CA GLU A 383 -5.26 -9.38 -19.98
C GLU A 383 -3.95 -9.90 -20.58
N LYS A 384 -2.88 -9.10 -20.52
CA LYS A 384 -1.57 -9.58 -21.01
C LYS A 384 -1.06 -10.71 -20.09
N SER A 385 -0.29 -11.65 -20.64
CA SER A 385 0.20 -12.78 -19.84
CA SER A 385 0.17 -12.77 -19.82
C SER A 385 1.15 -12.29 -18.75
N GLY A 386 1.14 -12.97 -17.61
CA GLY A 386 1.98 -12.54 -16.49
C GLY A 386 1.40 -11.30 -15.82
N ILE A 387 2.29 -10.47 -15.27
CA ILE A 387 1.85 -9.27 -14.58
C ILE A 387 1.36 -8.23 -15.59
N GLY A 388 2.03 -8.12 -16.74
CA GLY A 388 1.54 -7.27 -17.83
C GLY A 388 2.26 -5.95 -18.03
N ILE A 389 3.37 -5.75 -17.32
CA ILE A 389 4.10 -4.49 -17.40
C ILE A 389 5.39 -4.70 -18.17
N THR A 390 5.73 -3.75 -19.05
CA THR A 390 7.03 -3.75 -19.72
C THR A 390 7.88 -2.59 -19.19
N PHE A 391 9.17 -2.83 -19.02
CA PHE A 391 10.07 -1.85 -18.41
C PHE A 391 11.10 -1.43 -19.44
N ASP A 392 11.23 -0.11 -19.62
CA ASP A 392 12.16 0.47 -20.60
C ASP A 392 13.47 0.84 -19.91
N GLU A 393 14.45 -0.07 -20.00
CA GLU A 393 15.73 0.05 -19.33
C GLU A 393 16.43 1.35 -19.72
N GLU A 394 16.34 1.71 -21.00
CA GLU A 394 17.00 2.88 -21.53
C GLU A 394 16.38 4.18 -21.01
N ALA A 395 15.05 4.24 -21.00
CA ALA A 395 14.36 5.41 -20.48
C ALA A 395 14.61 5.55 -18.98
N ALA A 396 14.63 4.43 -18.28
CA ALA A 396 14.86 4.43 -16.84
C ALA A 396 16.18 5.10 -16.49
N ALA A 397 17.17 4.91 -17.36
CA ALA A 397 18.52 5.45 -17.17
C ALA A 397 18.54 6.97 -17.00
N ASP A 398 17.49 7.64 -17.48
CA ASP A 398 17.44 9.09 -17.41
C ASP A 398 16.93 9.58 -16.05
N PHE A 399 16.54 8.66 -15.18
CA PHE A 399 15.90 9.04 -13.92
C PHE A 399 16.54 8.38 -12.70
N PRO A 400 17.77 8.78 -12.37
CA PRO A 400 18.43 8.21 -11.18
C PRO A 400 17.70 8.58 -9.90
N VAL A 401 17.99 7.82 -8.84
CA VAL A 401 17.50 8.16 -7.51
C VAL A 401 17.95 9.57 -7.13
N VAL A 402 17.06 10.30 -6.47
CA VAL A 402 17.40 11.60 -5.92
C VAL A 402 17.03 11.61 -4.44
N TYR A 403 17.99 11.96 -3.59
CA TYR A 403 17.76 11.98 -2.15
C TYR A 403 16.65 12.97 -1.75
N ARG A 404 15.71 12.50 -0.91
CA ARG A 404 14.67 13.33 -0.28
C ARG A 404 14.78 13.26 1.25
N PRO A 405 14.55 14.40 1.95
CA PRO A 405 14.63 14.46 3.41
C PRO A 405 13.36 14.02 4.14
N HIS A 406 12.22 14.03 3.42
CA HIS A 406 10.89 13.65 3.94
CA HIS A 406 10.92 13.59 3.95
C HIS A 406 10.63 14.06 5.39
N GLU A 407 10.62 15.37 5.63
CA GLU A 407 10.50 15.86 7.01
C GLU A 407 9.23 15.44 7.73
N TRP A 408 8.21 15.05 6.99
CA TRP A 408 6.96 14.60 7.62
C TRP A 408 7.16 13.36 8.48
N THR A 409 8.26 12.63 8.30
CA THR A 409 8.50 11.50 9.21
C THR A 409 9.14 11.94 10.53
N GLN A 410 9.34 13.24 10.69
CA GLN A 410 9.75 13.83 11.98
C GLN A 410 8.60 14.64 12.56
N SER A 411 7.48 13.96 12.80
CA SER A 411 6.25 14.59 13.20
C SER A 411 6.26 14.84 14.71
N ARG A 412 5.88 16.05 15.13
CA ARG A 412 5.88 16.41 16.56
C ARG A 412 4.59 17.10 16.95
N THR A 413 4.14 16.85 18.17
CA THR A 413 3.06 17.62 18.77
C THR A 413 3.66 18.92 19.30
N PRO A 414 2.82 19.87 19.71
CA PRO A 414 3.37 21.19 20.04
C PRO A 414 4.49 21.18 21.09
N ASP A 415 4.40 20.31 22.10
CA ASP A 415 5.43 20.27 23.14
C ASP A 415 6.78 19.76 22.62
N GLY A 416 6.80 19.21 21.40
CA GLY A 416 8.04 18.75 20.81
C GLY A 416 8.20 17.23 20.83
N THR A 417 7.20 16.51 21.37
CA THR A 417 7.28 15.04 21.41
C THR A 417 7.29 14.47 19.98
N LEU A 418 8.25 13.59 19.68
CA LEU A 418 8.33 12.95 18.36
C LEU A 418 7.30 11.83 18.35
N ILE A 419 6.29 11.93 17.48
CA ILE A 419 5.23 10.91 17.46
C ILE A 419 5.34 10.01 16.23
N THR A 420 4.56 8.95 16.21
CA THR A 420 4.58 8.03 15.08
C THR A 420 4.03 8.78 13.86
N PRO A 421 4.70 8.68 12.69
CA PRO A 421 4.38 9.54 11.55
C PRO A 421 3.29 9.03 10.63
MG MG B . -2.76 4.85 4.91
C1 GOL C . 1.90 6.50 3.14
O1 GOL C . 1.96 7.70 3.92
C2 GOL C . 2.99 6.55 2.07
O2 GOL C . 2.71 5.48 1.14
C3 GOL C . 4.35 6.28 2.69
O3 GOL C . 5.36 6.37 1.68
CL CL D . 15.00 -4.42 7.43
CL CL E . -7.55 10.94 4.83
#